data_8EO2
#
_entry.id   8EO2
#
_cell.length_a   64.480
_cell.length_b   71.310
_cell.length_c   167.320
_cell.angle_alpha   90.000
_cell.angle_beta   90.000
_cell.angle_gamma   90.000
#
_symmetry.space_group_name_H-M   'P 21 21 21'
#
loop_
_entity.id
_entity.type
_entity.pdbx_description
1 polymer Lufaxin
2 branched beta-D-mannopyranose-(1-4)-2-acetamido-2-deoxy-beta-D-glucopyranose-(1-4)-2-acetamido-2-deoxy-beta-D-glucopyranose
3 branched 2-acetamido-2-deoxy-beta-D-glucopyranose-(1-4)-2-acetamido-2-deoxy-beta-D-glucopyranose
4 non-polymer GLYCEROL
5 non-polymer 2-acetamido-2-deoxy-beta-D-glucopyranose
6 non-polymer 'BROMIDE ION'
7 water water
#
_entity_poly.entity_id   1
_entity_poly.type   'polypeptide(L)'
_entity_poly.pdbx_seq_one_letter_code
;DGDEYFIGKYKEKDETLFFASYGLKRDPCQIVLGYKCSNNQTHFVLNFKTNKKSCISAIKLTSYPKINQNSDLTRNLYCQ
TGGIGTDNCKLVFKKRKRQIAANIEIYGIPAKKCSFKDRYIGADPLHVDSYGLSYQFDQEHGWNLERNNIFKDTRFSTEV
FYHKNGLFNTQITYLAEEDSFSEAREITAKDIKKKFSIILPNEEYKRISFLDVYWFQETMRKKPKYPYIHYNGECSNENK
TCELVFDTDELMTYALVKVFTNPESDGSRLKEEDLGRGHHHHHH
;
_entity_poly.pdbx_strand_id   A,B
#
loop_
_chem_comp.id
_chem_comp.type
_chem_comp.name
_chem_comp.formula
BMA D-saccharide, beta linking beta-D-mannopyranose 'C6 H12 O6'
BR non-polymer 'BROMIDE ION' 'Br -1'
GOL non-polymer GLYCEROL 'C3 H8 O3'
NAG D-saccharide, beta linking 2-acetamido-2-deoxy-beta-D-glucopyranose 'C8 H15 N O6'
#
# COMPACT_ATOMS: atom_id res chain seq x y z
N ASP A 1 15.46 1.85 -5.49
CA ASP A 1 16.62 2.59 -5.00
C ASP A 1 17.41 1.76 -3.97
N GLY A 2 16.68 1.16 -3.02
CA GLY A 2 17.19 0.08 -2.21
C GLY A 2 16.54 -1.24 -2.61
N ASP A 3 16.97 -2.30 -1.94
CA ASP A 3 16.33 -3.60 -2.05
C ASP A 3 15.55 -3.87 -0.78
N GLU A 4 14.30 -4.30 -0.92
CA GLU A 4 13.39 -4.42 0.22
C GLU A 4 13.05 -5.87 0.50
N TYR A 5 13.11 -6.25 1.77
CA TYR A 5 12.80 -7.58 2.27
C TYR A 5 11.69 -7.48 3.30
N PHE A 6 10.78 -8.45 3.31
CA PHE A 6 9.62 -8.40 4.20
C PHE A 6 9.41 -9.69 4.98
N ILE A 7 9.11 -9.55 6.27
CA ILE A 7 8.52 -10.63 7.06
C ILE A 7 7.14 -10.15 7.51
N GLY A 8 6.10 -10.85 7.07
CA GLY A 8 4.75 -10.45 7.39
C GLY A 8 4.29 -9.33 6.48
N LYS A 9 3.00 -8.98 6.62
CA LYS A 9 2.36 -7.97 5.78
C LYS A 9 1.99 -6.74 6.60
N TYR A 10 2.47 -5.58 6.17
CA TYR A 10 2.12 -4.35 6.86
C TYR A 10 0.69 -3.92 6.53
N LYS A 11 -0.01 -3.43 7.55
CA LYS A 11 -1.31 -2.79 7.39
C LYS A 11 -1.27 -1.37 7.98
N GLU A 12 -2.20 -0.55 7.54
CA GLU A 12 -2.17 0.88 7.86
C GLU A 12 -2.27 1.12 9.37
N LYS A 13 -3.23 0.47 10.04
CA LYS A 13 -3.45 0.70 11.45
C LYS A 13 -2.31 0.22 12.34
N ASP A 14 -1.32 -0.49 11.78
CA ASP A 14 -0.23 -1.03 12.58
C ASP A 14 0.55 0.10 13.26
N GLU A 15 0.94 -0.13 14.51
CA GLU A 15 1.81 0.80 15.21
C GLU A 15 3.26 0.60 14.79
N THR A 16 4.01 1.68 14.83
CA THR A 16 5.44 1.64 14.54
C THR A 16 6.19 1.34 15.83
N LEU A 17 6.87 0.20 15.89
CA LEU A 17 7.55 -0.20 17.11
C LEU A 17 8.99 0.30 17.16
N PHE A 18 9.68 0.20 16.03
CA PHE A 18 11.11 0.49 15.99
C PHE A 18 11.48 0.78 14.54
N PHE A 19 12.36 1.75 14.33
CA PHE A 19 13.08 1.86 13.07
C PHE A 19 14.49 2.36 13.35
N ALA A 20 15.45 1.93 12.54
CA ALA A 20 16.85 2.27 12.78
C ALA A 20 17.65 1.98 11.53
N SER A 21 18.87 2.52 11.51
CA SER A 21 19.81 2.41 10.41
C SER A 21 21.12 1.77 10.88
N TYR A 22 21.70 0.93 10.04
CA TYR A 22 22.91 0.23 10.42
C TYR A 22 23.89 0.22 9.26
N GLY A 23 25.15 0.57 9.55
CA GLY A 23 26.21 0.32 8.58
C GLY A 23 26.61 -1.15 8.67
N LEU A 24 26.58 -1.84 7.53
CA LEU A 24 26.77 -3.29 7.53
C LEU A 24 28.23 -3.72 7.53
N LYS A 25 29.13 -2.82 7.19
CA LYS A 25 30.56 -3.11 7.17
C LYS A 25 31.25 -2.74 8.47
N ARG A 26 30.54 -2.10 9.40
CA ARG A 26 31.18 -1.57 10.60
C ARG A 26 31.52 -2.69 11.58
N ASP A 27 32.67 -2.55 12.22
CA ASP A 27 33.16 -3.53 13.19
C ASP A 27 33.35 -2.82 14.52
N PRO A 28 32.44 -3.00 15.49
CA PRO A 28 31.18 -3.76 15.50
C PRO A 28 30.00 -2.93 14.94
N CYS A 29 28.85 -3.50 14.56
CA CYS A 29 27.75 -2.60 14.21
C CYS A 29 27.45 -1.72 15.41
N GLN A 30 26.83 -0.59 15.13
CA GLN A 30 26.54 0.39 16.16
C GLN A 30 25.20 -0.01 16.78
N ILE A 31 25.23 -0.40 18.05
CA ILE A 31 23.97 -0.66 18.74
C ILE A 31 23.13 0.62 18.76
N VAL A 32 21.84 0.47 18.48
CA VAL A 32 20.85 1.54 18.53
C VAL A 32 19.84 1.21 19.62
N LEU A 33 19.75 2.05 20.64
CA LEU A 33 18.71 1.95 21.67
C LEU A 33 18.76 0.59 22.39
N GLY A 34 19.95 0.07 22.63
CA GLY A 34 20.11 -1.11 23.45
C GLY A 34 19.90 -2.44 22.77
N TYR A 35 19.45 -2.49 21.52
CA TYR A 35 19.18 -3.76 20.85
C TYR A 35 20.48 -4.30 20.27
N LYS A 36 20.99 -5.38 20.87
CA LYS A 36 22.27 -5.93 20.43
C LYS A 36 22.20 -6.36 18.98
N CYS A 37 23.24 -6.00 18.22
CA CYS A 37 23.32 -6.26 16.79
C CYS A 37 24.74 -6.75 16.51
N SER A 38 24.95 -7.35 15.34
CA SER A 38 26.31 -7.74 14.98
C SER A 38 26.45 -7.84 13.46
N ASN A 39 27.69 -7.62 13.02
CA ASN A 39 28.10 -7.62 11.62
C ASN A 39 29.14 -8.69 11.40
N ASN A 40 29.13 -9.25 10.18
CA ASN A 40 30.03 -10.31 9.73
C ASN A 40 30.20 -10.14 8.24
N GLN A 41 31.18 -10.84 7.69
CA GLN A 41 31.20 -10.98 6.24
C GLN A 41 29.85 -11.47 5.71
N THR A 42 29.16 -12.31 6.48
CA THR A 42 27.99 -13.01 5.96
C THR A 42 26.65 -12.61 6.59
N HIS A 43 26.64 -12.07 7.79
CA HIS A 43 25.38 -11.91 8.52
C HIS A 43 25.28 -10.56 9.18
N PHE A 44 24.05 -10.06 9.25
CA PHE A 44 23.66 -9.00 10.17
C PHE A 44 22.57 -9.52 11.08
N VAL A 45 22.72 -9.32 12.38
CA VAL A 45 21.77 -9.82 13.37
C VAL A 45 21.31 -8.68 14.27
N LEU A 46 20.00 -8.58 14.48
CA LEU A 46 19.39 -7.62 15.40
C LEU A 46 18.53 -8.38 16.41
N ASN A 47 18.86 -8.25 17.68
CA ASN A 47 18.10 -8.89 18.75
C ASN A 47 17.04 -7.92 19.21
N PHE A 48 15.82 -8.04 18.67
CA PHE A 48 14.76 -7.10 18.97
C PHE A 48 13.70 -7.71 19.88
N LYS A 49 13.21 -6.89 20.80
CA LYS A 49 12.10 -7.24 21.67
C LYS A 49 11.38 -5.95 22.01
N THR A 50 10.06 -6.01 22.12
CA THR A 50 9.30 -4.85 22.56
C THR A 50 8.75 -5.14 23.96
N ASN A 51 9.16 -4.30 24.93
CA ASN A 51 8.72 -4.41 26.32
C ASN A 51 7.26 -3.98 26.50
N LYS A 52 6.56 -3.68 25.40
CA LYS A 52 5.16 -3.30 25.40
C LYS A 52 4.30 -4.50 25.02
N LYS A 53 3.00 -4.39 25.31
CA LYS A 53 2.04 -5.46 25.06
C LYS A 53 1.53 -5.38 23.61
N SER A 54 2.46 -5.62 22.68
CA SER A 54 2.18 -5.63 21.26
C SER A 54 2.67 -6.92 20.63
N CYS A 55 2.02 -7.31 19.53
CA CYS A 55 2.44 -8.40 18.66
C CYS A 55 3.14 -7.80 17.45
N ILE A 56 4.28 -8.36 17.06
CA ILE A 56 4.90 -7.91 15.82
C ILE A 56 4.05 -8.37 14.64
N SER A 57 3.77 -7.46 13.72
CA SER A 57 2.95 -7.76 12.56
C SER A 57 3.71 -7.72 11.26
N ALA A 58 4.78 -6.94 11.18
CA ALA A 58 5.52 -6.87 9.93
C ALA A 58 6.91 -6.33 10.24
N ILE A 59 7.90 -6.89 9.57
CA ILE A 59 9.28 -6.39 9.65
C ILE A 59 9.73 -6.15 8.23
N LYS A 60 10.40 -5.02 8.00
CA LYS A 60 10.88 -4.67 6.68
C LYS A 60 12.33 -4.27 6.77
N LEU A 61 13.17 -4.81 5.88
CA LEU A 61 14.57 -4.44 5.81
C LEU A 61 14.85 -3.93 4.40
N THR A 62 15.48 -2.76 4.30
CA THR A 62 15.89 -2.20 3.02
C THR A 62 17.41 -2.05 3.04
N SER A 63 18.06 -2.53 1.99
CA SER A 63 19.51 -2.58 1.95
C SER A 63 20.02 -1.80 0.76
N TYR A 64 21.26 -1.35 0.85
CA TYR A 64 21.82 -0.42 -0.11
C TYR A 64 23.25 -0.80 -0.40
N PRO A 65 23.72 -0.57 -1.63
CA PRO A 65 22.85 -0.17 -2.74
C PRO A 65 22.02 -1.34 -3.30
N LYS A 66 21.23 -1.07 -4.34
CA LYS A 66 20.40 -2.10 -4.94
C LYS A 66 21.29 -3.08 -5.71
N ILE A 67 21.08 -4.38 -5.49
CA ILE A 67 21.88 -5.41 -6.17
C ILE A 67 20.99 -6.31 -7.02
N ASN A 68 21.63 -7.26 -7.71
CA ASN A 68 20.97 -8.25 -8.56
C ASN A 68 20.62 -9.47 -7.72
N GLN A 69 19.32 -9.68 -7.50
CA GLN A 69 18.86 -10.75 -6.63
C GLN A 69 17.34 -10.82 -6.60
N ASN A 70 16.77 -11.92 -7.10
CA ASN A 70 15.34 -12.20 -6.95
C ASN A 70 15.15 -12.78 -5.55
N SER A 71 14.69 -11.94 -4.62
CA SER A 71 14.58 -12.37 -3.23
C SER A 71 13.41 -13.31 -2.99
N ASP A 72 12.48 -13.43 -3.94
CA ASP A 72 11.36 -14.33 -3.77
C ASP A 72 11.78 -15.78 -3.78
N LEU A 73 12.95 -16.08 -4.38
CA LEU A 73 13.49 -17.42 -4.46
C LEU A 73 14.45 -17.76 -3.32
N THR A 74 14.60 -16.86 -2.34
CA THR A 74 15.52 -17.10 -1.24
C THR A 74 14.86 -16.67 0.06
N ARG A 75 15.44 -17.06 1.19
CA ARG A 75 15.09 -16.44 2.45
C ARG A 75 16.37 -15.89 3.09
N ASN A 76 16.64 -14.62 2.79
CA ASN A 76 17.77 -13.89 3.33
C ASN A 76 17.40 -13.04 4.53
N LEU A 77 16.12 -13.01 4.89
CA LEU A 77 15.63 -12.30 6.07
C LEU A 77 14.66 -13.19 6.82
N TYR A 78 14.91 -13.39 8.11
CA TYR A 78 14.05 -14.30 8.86
C TYR A 78 14.41 -14.16 10.33
N CYS A 79 13.47 -14.56 11.19
CA CYS A 79 13.69 -14.57 12.63
C CYS A 79 14.17 -15.96 13.04
N GLN A 80 15.33 -16.02 13.69
CA GLN A 80 15.83 -17.28 14.19
C GLN A 80 15.05 -17.70 15.43
N THR A 81 14.60 -16.72 16.23
CA THR A 81 13.74 -16.94 17.37
C THR A 81 12.71 -15.84 17.36
N GLY A 82 11.55 -16.13 17.95
CA GLY A 82 10.44 -15.20 17.86
C GLY A 82 9.86 -15.16 16.45
N GLY A 83 9.38 -13.97 16.05
CA GLY A 83 8.87 -13.70 14.73
C GLY A 83 7.47 -13.12 14.80
N ILE A 84 6.77 -13.18 13.66
CA ILE A 84 5.44 -12.61 13.55
C ILE A 84 4.49 -13.21 14.58
N GLY A 85 3.71 -12.35 15.25
CA GLY A 85 2.78 -12.82 16.25
C GLY A 85 3.37 -12.96 17.65
N THR A 86 4.59 -12.50 17.87
CA THR A 86 5.18 -12.46 19.20
C THR A 86 5.75 -11.06 19.44
N ASP A 87 6.33 -10.85 20.61
CA ASP A 87 6.90 -9.55 20.95
C ASP A 87 8.40 -9.49 20.75
N ASN A 88 8.98 -10.45 20.03
CA ASN A 88 10.42 -10.47 19.87
C ASN A 88 10.78 -11.06 18.52
N CYS A 89 12.00 -10.74 18.07
CA CYS A 89 12.55 -11.33 16.86
C CYS A 89 14.06 -11.22 16.92
N LYS A 90 14.75 -12.34 16.82
CA LYS A 90 16.19 -12.31 16.59
C LYS A 90 16.33 -12.28 15.08
N LEU A 91 16.49 -11.08 14.53
CA LEU A 91 16.39 -10.85 13.09
C LEU A 91 17.72 -11.17 12.43
N VAL A 92 17.67 -11.97 11.38
CA VAL A 92 18.84 -12.46 10.67
C VAL A 92 18.75 -11.98 9.22
N PHE A 93 19.77 -11.26 8.76
CA PHE A 93 19.86 -10.84 7.38
C PHE A 93 21.11 -11.46 6.79
N LYS A 94 20.93 -12.25 5.75
CA LYS A 94 22.05 -12.91 5.09
C LYS A 94 22.46 -12.01 3.94
N LYS A 95 23.53 -11.22 4.15
CA LYS A 95 23.90 -10.15 3.24
C LYS A 95 24.75 -10.67 2.09
N ARG A 96 24.77 -9.91 1.02
CA ARG A 96 25.69 -10.14 -0.09
C ARG A 96 26.81 -9.10 -0.07
N LYS A 97 27.86 -9.40 -0.83
CA LYS A 97 29.12 -8.67 -0.77
C LYS A 97 28.93 -7.16 -0.85
N ARG A 98 28.30 -6.67 -1.93
CA ARG A 98 28.15 -5.25 -2.22
C ARG A 98 27.14 -4.55 -1.32
N GLN A 99 26.49 -5.24 -0.38
CA GLN A 99 25.46 -4.64 0.46
C GLN A 99 26.13 -4.05 1.71
N ILE A 100 25.99 -2.74 1.88
CA ILE A 100 26.76 -2.04 2.90
C ILE A 100 25.90 -1.30 3.92
N ALA A 101 24.61 -1.07 3.68
CA ALA A 101 23.78 -0.39 4.66
C ALA A 101 22.38 -0.99 4.68
N ALA A 102 21.70 -0.85 5.82
CA ALA A 102 20.38 -1.43 6.01
C ALA A 102 19.52 -0.53 6.86
N ASN A 103 18.27 -0.33 6.44
CA ASN A 103 17.25 0.36 7.20
C ASN A 103 16.16 -0.61 7.62
N ILE A 104 15.82 -0.59 8.91
CA ILE A 104 14.93 -1.57 9.52
C ILE A 104 13.71 -0.86 10.10
N GLU A 105 12.54 -1.44 9.84
CA GLU A 105 11.28 -0.96 10.38
C GLU A 105 10.49 -2.15 10.90
N ILE A 106 9.83 -1.96 12.05
CA ILE A 106 9.16 -3.04 12.76
C ILE A 106 7.81 -2.53 13.22
N TYR A 107 6.74 -3.20 12.80
CA TYR A 107 5.38 -2.77 13.12
C TYR A 107 4.69 -3.82 13.98
N GLY A 108 3.65 -3.37 14.69
CA GLY A 108 2.97 -4.25 15.62
C GLY A 108 1.52 -3.89 15.77
N ILE A 109 0.80 -4.76 16.49
CA ILE A 109 -0.59 -4.52 16.89
C ILE A 109 -0.72 -4.83 18.37
N PRO A 110 -1.79 -4.33 19.01
CA PRO A 110 -2.03 -4.66 20.42
C PRO A 110 -2.05 -6.17 20.65
N ALA A 111 -1.42 -6.60 21.75
CA ALA A 111 -1.41 -8.01 22.07
C ALA A 111 -2.81 -8.52 22.36
N LYS A 112 -3.68 -7.65 22.90
CA LYS A 112 -5.06 -8.03 23.14
C LYS A 112 -5.74 -8.54 21.86
N LYS A 113 -5.68 -7.77 20.78
CA LYS A 113 -6.32 -8.20 19.53
C LYS A 113 -5.28 -8.67 18.52
N CYS A 114 -4.50 -9.68 18.90
CA CYS A 114 -3.43 -10.19 18.05
C CYS A 114 -4.01 -11.16 17.04
N SER A 115 -4.71 -10.61 16.05
CA SER A 115 -5.28 -11.37 14.95
C SER A 115 -4.75 -10.81 13.64
N PHE A 116 -4.34 -11.71 12.75
CA PHE A 116 -3.93 -11.32 11.40
C PHE A 116 -4.88 -11.84 10.34
N LYS A 117 -5.93 -12.57 10.74
CA LYS A 117 -6.87 -13.23 9.83
C LYS A 117 -7.25 -12.33 8.64
N ASP A 118 -7.57 -11.07 8.91
CA ASP A 118 -8.10 -10.22 7.86
C ASP A 118 -7.06 -9.95 6.79
N ARG A 119 -5.86 -9.54 7.18
CA ARG A 119 -4.88 -9.11 6.19
C ARG A 119 -4.44 -10.25 5.30
N TYR A 120 -4.45 -11.49 5.80
CA TYR A 120 -4.06 -12.62 4.96
C TYR A 120 -5.22 -13.23 4.18
N ILE A 121 -6.42 -13.22 4.74
CA ILE A 121 -7.59 -13.77 4.05
C ILE A 121 -8.11 -12.82 2.98
N GLY A 122 -8.31 -11.55 3.34
CA GLY A 122 -8.69 -10.53 2.37
C GLY A 122 -10.17 -10.55 2.02
N ALA A 123 -10.49 -9.97 0.86
CA ALA A 123 -11.86 -9.91 0.37
C ALA A 123 -12.26 -11.07 -0.51
N ASP A 124 -11.33 -11.61 -1.31
CA ASP A 124 -11.63 -12.67 -2.26
C ASP A 124 -10.78 -13.89 -1.89
N PRO A 125 -11.07 -14.51 -0.74
CA PRO A 125 -10.36 -15.75 -0.38
C PRO A 125 -10.60 -16.89 -1.34
N LEU A 126 -11.73 -16.87 -2.06
CA LEU A 126 -12.06 -17.95 -2.99
C LEU A 126 -11.07 -18.00 -4.14
N HIS A 127 -10.64 -16.84 -4.64
CA HIS A 127 -9.78 -16.79 -5.82
C HIS A 127 -8.37 -16.32 -5.55
N VAL A 128 -8.08 -15.81 -4.36
CA VAL A 128 -6.78 -15.22 -4.02
C VAL A 128 -6.24 -15.95 -2.81
N ASP A 129 -4.97 -16.36 -2.87
CA ASP A 129 -4.39 -17.06 -1.75
C ASP A 129 -3.81 -16.03 -0.77
N SER A 130 -3.19 -16.51 0.31
CA SER A 130 -2.71 -15.63 1.36
C SER A 130 -1.42 -14.90 0.98
N TYR A 131 -0.83 -15.19 -0.17
CA TYR A 131 0.28 -14.40 -0.69
C TYR A 131 -0.19 -13.27 -1.59
N GLY A 132 -1.50 -13.12 -1.79
CA GLY A 132 -1.98 -12.18 -2.77
C GLY A 132 -1.98 -12.72 -4.18
N LEU A 133 -1.64 -13.99 -4.37
CA LEU A 133 -1.63 -14.63 -5.68
C LEU A 133 -2.94 -15.36 -5.91
N SER A 134 -3.41 -15.34 -7.15
CA SER A 134 -4.66 -16.00 -7.48
C SER A 134 -4.40 -17.47 -7.82
N TYR A 135 -5.19 -18.35 -7.21
CA TYR A 135 -5.13 -19.76 -7.53
C TYR A 135 -5.28 -19.95 -9.03
N GLN A 136 -4.51 -20.89 -9.58
CA GLN A 136 -4.59 -21.25 -10.98
C GLN A 136 -4.73 -22.76 -11.11
N PHE A 137 -5.47 -23.18 -12.13
CA PHE A 137 -5.94 -24.56 -12.24
C PHE A 137 -5.50 -25.16 -13.56
N ASP A 138 -5.08 -26.42 -13.51
CA ASP A 138 -4.58 -27.12 -14.69
C ASP A 138 -5.76 -27.60 -15.55
N GLN A 139 -5.46 -27.96 -16.79
CA GLN A 139 -6.50 -28.22 -17.77
C GLN A 139 -7.06 -29.63 -17.72
N GLU A 140 -6.35 -30.58 -17.11
CA GLU A 140 -6.80 -31.96 -17.10
C GLU A 140 -7.76 -32.25 -15.95
N HIS A 141 -7.32 -32.01 -14.73
CA HIS A 141 -8.16 -32.28 -13.55
C HIS A 141 -8.92 -31.06 -13.07
N GLY A 142 -8.50 -29.85 -13.44
CA GLY A 142 -9.10 -28.67 -12.84
C GLY A 142 -8.68 -28.46 -11.40
N TRP A 143 -7.48 -28.92 -11.04
CA TRP A 143 -6.92 -28.79 -9.71
C TRP A 143 -5.81 -27.74 -9.73
N ASN A 144 -5.54 -27.15 -8.58
CA ASN A 144 -4.66 -25.98 -8.54
C ASN A 144 -3.24 -26.34 -8.97
N LEU A 145 -2.59 -25.40 -9.66
CA LEU A 145 -1.21 -25.57 -10.11
C LEU A 145 -0.24 -25.28 -8.98
N GLU A 146 0.94 -25.90 -9.07
CA GLU A 146 2.05 -25.54 -8.20
C GLU A 146 2.58 -24.16 -8.57
N ARG A 147 2.69 -23.27 -7.58
CA ARG A 147 3.27 -21.96 -7.82
C ARG A 147 4.68 -22.08 -8.39
N ASN A 148 5.03 -21.17 -9.31
CA ASN A 148 6.24 -21.34 -10.11
C ASN A 148 7.36 -20.36 -9.80
N ASN A 149 7.07 -19.18 -9.27
CA ASN A 149 8.14 -18.19 -9.20
C ASN A 149 8.33 -17.69 -7.78
N ILE A 150 8.47 -18.62 -6.83
CA ILE A 150 8.83 -18.27 -5.46
C ILE A 150 9.57 -19.47 -4.84
N PHE A 151 10.12 -19.24 -3.66
CA PHE A 151 10.82 -20.25 -2.90
C PHE A 151 9.95 -21.47 -2.70
N LYS A 152 10.51 -22.65 -2.98
CA LYS A 152 9.78 -23.87 -2.64
C LYS A 152 10.74 -25.04 -2.48
N ASP A 153 10.61 -25.74 -1.37
CA ASP A 153 11.32 -26.98 -1.12
C ASP A 153 10.37 -28.16 -1.28
N THR A 154 10.92 -29.32 -1.59
CA THR A 154 10.18 -30.56 -1.48
C THR A 154 10.87 -31.43 -0.45
N ARG A 155 10.11 -32.38 0.10
CA ARG A 155 10.70 -33.32 1.04
C ARG A 155 10.26 -34.73 0.64
N PHE A 156 9.35 -35.32 1.39
CA PHE A 156 8.84 -36.63 1.04
C PHE A 156 7.71 -36.48 0.03
N SER A 157 7.54 -37.52 -0.80
CA SER A 157 6.48 -37.55 -1.80
C SER A 157 5.21 -36.89 -1.26
N THR A 158 4.67 -35.95 -2.04
CA THR A 158 3.50 -35.13 -1.78
C THR A 158 3.78 -33.85 -0.97
N GLU A 159 4.97 -33.71 -0.37
CA GLU A 159 5.25 -32.57 0.50
C GLU A 159 5.93 -31.46 -0.30
N VAL A 160 5.25 -30.33 -0.42
CA VAL A 160 5.78 -29.14 -1.09
C VAL A 160 5.55 -27.94 -0.18
N PHE A 161 6.60 -27.18 0.08
CA PHE A 161 6.54 -26.06 1.01
C PHE A 161 6.90 -24.79 0.24
N TYR A 162 6.11 -23.74 0.45
CA TYR A 162 6.37 -22.44 -0.16
C TYR A 162 6.70 -21.42 0.92
N HIS A 163 7.48 -20.43 0.52
CA HIS A 163 7.84 -19.32 1.39
C HIS A 163 7.77 -18.04 0.59
N LYS A 164 7.07 -17.04 1.11
CA LYS A 164 7.18 -15.70 0.53
C LYS A 164 6.94 -14.65 1.62
N ASN A 165 7.83 -13.67 1.69
CA ASN A 165 7.76 -12.59 2.68
C ASN A 165 7.56 -13.14 4.10
N GLY A 166 8.37 -14.13 4.45
CA GLY A 166 8.32 -14.74 5.76
C GLY A 166 7.23 -15.77 5.99
N LEU A 167 6.23 -15.85 5.10
CA LEU A 167 5.07 -16.69 5.31
C LEU A 167 5.27 -18.03 4.60
N PHE A 168 5.17 -19.13 5.35
CA PHE A 168 5.26 -20.47 4.79
C PHE A 168 3.87 -20.98 4.37
N ASN A 169 3.87 -21.95 3.47
CA ASN A 169 2.63 -22.52 2.95
C ASN A 169 2.81 -24.01 2.61
N THR A 170 1.78 -24.80 2.92
CA THR A 170 1.66 -26.15 2.37
C THR A 170 0.18 -26.44 2.14
N GLN A 171 -0.09 -27.28 1.14
CA GLN A 171 -1.44 -27.46 0.62
C GLN A 171 -1.84 -28.94 0.70
N ILE A 172 -3.03 -29.18 1.25
CA ILE A 172 -3.53 -30.55 1.49
C ILE A 172 -4.95 -30.65 0.95
N THR A 173 -5.10 -31.14 -0.28
CA THR A 173 -4.03 -31.60 -1.15
C THR A 173 -4.12 -30.84 -2.47
N TYR A 174 -5.32 -30.88 -3.06
CA TYR A 174 -5.59 -30.20 -4.33
C TYR A 174 -6.85 -29.36 -4.21
N LEU A 175 -6.80 -28.15 -4.74
CA LEU A 175 -7.98 -27.31 -4.84
C LEU A 175 -8.65 -27.53 -6.20
N ALA A 176 -9.98 -27.62 -6.18
CA ALA A 176 -10.79 -27.65 -7.40
C ALA A 176 -11.68 -26.42 -7.43
N GLU A 177 -12.01 -25.98 -8.66
CA GLU A 177 -12.67 -24.69 -8.87
C GLU A 177 -14.09 -24.65 -8.29
N GLU A 178 -14.82 -25.75 -8.40
CA GLU A 178 -16.18 -25.77 -7.87
C GLU A 178 -16.21 -25.82 -6.35
N ASP A 179 -15.07 -26.07 -5.70
CA ASP A 179 -14.95 -25.91 -4.25
C ASP A 179 -15.28 -24.48 -3.85
N SER A 180 -15.90 -24.33 -2.69
CA SER A 180 -16.20 -23.01 -2.14
C SER A 180 -15.41 -22.78 -0.86
N PHE A 181 -15.09 -21.51 -0.58
CA PHE A 181 -14.38 -21.15 0.64
C PHE A 181 -15.37 -21.12 1.79
N SER A 182 -15.14 -21.95 2.81
CA SER A 182 -16.08 -22.09 3.93
C SER A 182 -15.70 -21.11 5.04
N GLU A 183 -14.55 -21.33 5.66
CA GLU A 183 -14.08 -20.47 6.74
C GLU A 183 -12.56 -20.52 6.77
N ALA A 184 -11.97 -19.59 7.49
CA ALA A 184 -10.55 -19.61 7.77
C ALA A 184 -10.37 -19.66 9.27
N ARG A 185 -9.41 -20.45 9.71
CA ARG A 185 -9.09 -20.52 11.13
C ARG A 185 -7.64 -20.16 11.37
N GLU A 186 -7.39 -19.44 12.44
CA GLU A 186 -6.03 -19.07 12.81
C GLU A 186 -5.74 -19.59 14.21
N ILE A 187 -4.51 -20.04 14.41
CA ILE A 187 -3.98 -20.30 15.74
C ILE A 187 -2.92 -19.24 16.01
N THR A 188 -3.02 -18.59 17.17
CA THR A 188 -2.02 -17.61 17.55
C THR A 188 -1.12 -18.20 18.63
N ALA A 189 -0.05 -17.47 18.93
CA ALA A 189 1.05 -18.01 19.73
C ALA A 189 0.57 -18.60 21.05
N LYS A 190 -0.50 -18.05 21.64
CA LYS A 190 -0.97 -18.57 22.92
C LYS A 190 -1.55 -19.98 22.80
N ASP A 191 -1.97 -20.38 21.60
CA ASP A 191 -2.54 -21.71 21.37
C ASP A 191 -1.56 -22.68 20.71
N ILE A 192 -0.35 -22.23 20.39
CA ILE A 192 0.61 -23.03 19.64
C ILE A 192 1.48 -23.82 20.60
N LYS A 193 1.86 -25.03 20.21
CA LYS A 193 2.82 -25.85 20.95
C LYS A 193 3.69 -26.59 19.97
N LYS A 194 4.65 -27.36 20.49
CA LYS A 194 5.44 -28.26 19.65
C LYS A 194 4.54 -29.16 18.80
N LYS A 195 3.50 -29.73 19.40
CA LYS A 195 2.49 -30.50 18.67
C LYS A 195 1.12 -30.04 19.12
N PHE A 196 0.32 -29.54 18.19
CA PHE A 196 -1.04 -29.08 18.48
C PHE A 196 -1.95 -29.45 17.31
N SER A 197 -3.24 -29.25 17.51
CA SER A 197 -4.22 -29.69 16.52
C SER A 197 -5.45 -28.81 16.61
N ILE A 198 -6.20 -28.76 15.52
CA ILE A 198 -7.49 -28.08 15.48
C ILE A 198 -8.53 -29.05 14.94
N ILE A 199 -9.78 -28.82 15.34
CA ILE A 199 -10.91 -29.64 14.91
C ILE A 199 -11.71 -28.83 13.89
N LEU A 200 -12.02 -29.45 12.75
CA LEU A 200 -12.76 -28.76 11.70
C LEU A 200 -14.14 -29.40 11.52
N PRO A 201 -15.15 -28.62 11.13
CA PRO A 201 -16.42 -29.24 10.77
C PRO A 201 -16.28 -29.98 9.44
N ASN A 202 -16.94 -31.14 9.34
CA ASN A 202 -16.82 -31.93 8.12
C ASN A 202 -18.14 -32.59 7.70
N GLU A 203 -19.25 -32.26 8.32
CA GLU A 203 -20.50 -32.92 8.00
C GLU A 203 -21.19 -32.26 6.82
N GLU A 204 -21.86 -33.08 6.00
CA GLU A 204 -22.74 -32.68 4.92
C GLU A 204 -22.18 -31.58 4.02
N TYR A 205 -22.89 -30.45 3.94
CA TYR A 205 -22.49 -29.37 3.05
C TYR A 205 -21.04 -28.97 3.25
N LYS A 206 -20.56 -29.00 4.50
CA LYS A 206 -19.23 -28.52 4.83
C LYS A 206 -18.17 -29.62 4.76
N ARG A 207 -18.33 -30.57 3.84
CA ARG A 207 -17.35 -31.62 3.60
C ARG A 207 -16.01 -31.02 3.18
N ILE A 208 -15.00 -31.15 4.03
CA ILE A 208 -13.72 -30.52 3.74
C ILE A 208 -13.18 -31.10 2.44
N SER A 209 -12.93 -30.23 1.47
CA SER A 209 -12.35 -30.63 0.20
C SER A 209 -10.89 -30.24 0.05
N PHE A 210 -10.39 -29.28 0.84
CA PHE A 210 -9.04 -28.77 0.59
C PHE A 210 -8.65 -27.84 1.72
N LEU A 211 -7.40 -27.93 2.15
CA LEU A 211 -6.85 -27.09 3.20
C LEU A 211 -5.65 -26.33 2.65
N ASP A 212 -5.69 -25.01 2.77
CA ASP A 212 -4.59 -24.11 2.44
C ASP A 212 -4.02 -23.59 3.77
N VAL A 213 -2.81 -24.04 4.11
CA VAL A 213 -2.23 -23.87 5.44
C VAL A 213 -1.03 -22.92 5.38
N TYR A 214 -1.07 -21.86 6.18
CA TYR A 214 0.00 -20.87 6.21
C TYR A 214 0.50 -20.71 7.63
N TRP A 215 1.79 -20.40 7.76
CA TRP A 215 2.33 -20.19 9.11
C TRP A 215 3.61 -19.39 9.04
N PHE A 216 3.95 -18.77 10.16
CA PHE A 216 5.28 -18.25 10.43
C PHE A 216 5.92 -19.16 11.47
N GLN A 217 7.23 -19.38 11.34
CA GLN A 217 7.94 -20.17 12.35
C GLN A 217 9.36 -19.67 12.52
N GLU A 218 9.91 -19.92 13.71
CA GLU A 218 11.34 -19.78 13.91
C GLU A 218 12.10 -20.73 12.99
N THR A 219 13.27 -20.30 12.53
CA THR A 219 14.19 -21.23 11.87
C THR A 219 15.58 -21.02 12.45
N MET A 220 16.12 -22.08 13.05
CA MET A 220 17.47 -22.04 13.56
C MET A 220 18.47 -21.73 12.44
N ARG A 221 18.22 -22.21 11.23
CA ARG A 221 19.15 -22.06 10.12
C ARG A 221 18.40 -21.55 8.90
N LYS A 222 19.16 -21.15 7.88
CA LYS A 222 18.56 -20.68 6.64
C LYS A 222 17.60 -21.72 6.05
N LYS A 223 18.04 -22.96 6.00
CA LYS A 223 17.16 -24.07 5.62
C LYS A 223 16.25 -24.43 6.79
N PRO A 224 14.93 -24.30 6.65
CA PRO A 224 14.03 -24.66 7.75
C PRO A 224 13.83 -26.16 7.94
N LYS A 225 13.49 -26.52 9.17
CA LYS A 225 12.95 -27.84 9.49
C LYS A 225 11.44 -27.73 9.38
N TYR A 226 10.89 -28.29 8.30
CA TYR A 226 9.47 -28.13 8.03
C TYR A 226 8.65 -29.00 8.97
N PRO A 227 7.44 -28.58 9.30
CA PRO A 227 6.59 -29.36 10.21
C PRO A 227 5.92 -30.52 9.47
N TYR A 228 5.27 -31.37 10.24
CA TYR A 228 4.52 -32.51 9.70
C TYR A 228 3.04 -32.20 9.94
N ILE A 229 2.40 -31.63 8.94
CA ILE A 229 1.00 -31.26 9.04
C ILE A 229 0.19 -32.33 8.31
N HIS A 230 -0.77 -32.92 9.01
CA HIS A 230 -1.44 -34.09 8.51
C HIS A 230 -2.73 -34.29 9.29
N TYR A 231 -3.72 -34.85 8.59
CA TYR A 231 -4.93 -35.32 9.24
C TYR A 231 -4.59 -36.40 10.27
N ASN A 232 -5.41 -36.47 11.31
CA ASN A 232 -5.30 -37.51 12.33
C ASN A 232 -6.14 -38.68 11.84
N GLY A 233 -5.51 -39.54 11.03
CA GLY A 233 -6.23 -40.53 10.28
C GLY A 233 -6.78 -39.93 8.99
N GLU A 234 -7.67 -40.68 8.36
CA GLU A 234 -8.31 -40.21 7.15
C GLU A 234 -9.47 -39.30 7.47
N CYS A 235 -9.69 -38.30 6.62
CA CYS A 235 -10.82 -37.39 6.74
C CYS A 235 -11.87 -37.87 5.73
N SER A 236 -12.65 -38.87 6.14
CA SER A 236 -13.59 -39.54 5.28
C SER A 236 -14.98 -38.89 5.37
N ASN A 237 -15.88 -39.35 4.49
CA ASN A 237 -17.21 -38.78 4.40
C ASN A 237 -18.01 -38.97 5.69
N GLU A 238 -17.79 -40.09 6.39
CA GLU A 238 -18.54 -40.36 7.61
C GLU A 238 -18.05 -39.49 8.78
N ASN A 239 -16.79 -39.07 8.76
CA ASN A 239 -16.27 -38.31 9.90
C ASN A 239 -17.10 -37.04 10.11
N LYS A 240 -17.64 -36.89 11.33
CA LYS A 240 -18.42 -35.69 11.66
C LYS A 240 -17.52 -34.47 11.72
N THR A 241 -16.30 -34.63 12.24
CA THR A 241 -15.30 -33.58 12.27
C THR A 241 -13.98 -34.19 11.84
N CYS A 242 -13.07 -33.34 11.40
CA CYS A 242 -11.74 -33.78 10.98
C CYS A 242 -10.69 -33.00 11.75
N GLU A 243 -9.71 -33.74 12.31
CA GLU A 243 -8.68 -33.17 13.16
C GLU A 243 -7.39 -32.98 12.35
N LEU A 244 -6.90 -31.75 12.33
CA LEU A 244 -5.67 -31.41 11.64
C LEU A 244 -4.55 -31.35 12.67
N VAL A 245 -3.45 -32.06 12.41
CA VAL A 245 -2.37 -32.18 13.37
C VAL A 245 -1.18 -31.36 12.86
N PHE A 246 -0.62 -30.53 13.73
CA PHE A 246 0.60 -29.77 13.48
C PHE A 246 1.70 -30.37 14.36
N ASP A 247 2.60 -31.12 13.75
CA ASP A 247 3.66 -31.84 14.45
C ASP A 247 4.95 -31.17 14.00
N THR A 248 5.45 -30.23 14.82
CA THR A 248 6.50 -29.31 14.40
C THR A 248 7.82 -29.68 15.07
N ASP A 249 8.92 -29.40 14.37
CA ASP A 249 10.24 -29.47 14.98
C ASP A 249 10.78 -28.11 15.38
N GLU A 250 10.35 -27.05 14.71
CA GLU A 250 10.67 -25.68 15.10
C GLU A 250 9.37 -24.95 15.40
N LEU A 251 9.43 -24.07 16.39
CA LEU A 251 8.23 -23.47 16.94
C LEU A 251 7.56 -22.51 15.95
N MET A 252 6.26 -22.70 15.72
CA MET A 252 5.47 -21.76 14.94
C MET A 252 5.05 -20.59 15.82
N THR A 253 4.92 -19.42 15.21
CA THR A 253 4.47 -18.25 15.95
C THR A 253 3.08 -17.81 15.55
N TYR A 254 2.58 -18.30 14.42
CA TYR A 254 1.23 -17.96 13.99
C TYR A 254 0.85 -18.88 12.84
N ALA A 255 -0.41 -19.31 12.79
CA ALA A 255 -0.83 -20.23 11.75
C ALA A 255 -2.24 -19.91 11.28
N LEU A 256 -2.49 -20.17 9.99
CA LEU A 256 -3.75 -19.83 9.34
C LEU A 256 -4.14 -20.94 8.37
N VAL A 257 -5.34 -21.47 8.53
CA VAL A 257 -5.82 -22.59 7.71
C VAL A 257 -7.04 -22.11 6.96
N LYS A 258 -6.97 -22.10 5.62
CA LYS A 258 -8.14 -21.82 4.79
C LYS A 258 -8.89 -23.13 4.55
N VAL A 259 -10.18 -23.16 4.88
CA VAL A 259 -10.99 -24.36 4.78
C VAL A 259 -11.89 -24.22 3.55
N PHE A 260 -11.65 -25.08 2.54
CA PHE A 260 -12.48 -25.15 1.35
C PHE A 260 -13.31 -26.41 1.37
N THR A 261 -14.51 -26.32 0.82
CA THR A 261 -15.50 -27.35 1.01
C THR A 261 -16.07 -27.79 -0.33
N ASN A 262 -16.68 -28.98 -0.32
CA ASN A 262 -17.36 -29.54 -1.47
C ASN A 262 -18.06 -30.83 -1.07
N PRO A 263 -19.39 -30.87 -1.06
CA PRO A 263 -20.09 -32.14 -0.76
C PRO A 263 -19.76 -33.27 -1.73
N GLU A 264 -19.31 -32.94 -2.94
CA GLU A 264 -19.04 -33.94 -3.98
C GLU A 264 -17.70 -34.66 -3.80
N SER A 265 -16.80 -34.16 -2.96
CA SER A 265 -15.50 -34.80 -2.79
C SER A 265 -15.59 -36.00 -1.86
N ASP A 266 -14.73 -36.99 -2.11
CA ASP A 266 -14.63 -38.17 -1.25
C ASP A 266 -13.38 -38.12 -0.36
N GLY A 267 -12.63 -37.03 -0.39
CA GLY A 267 -11.49 -36.85 0.47
C GLY A 267 -10.15 -37.13 -0.18
N SER A 268 -10.15 -37.73 -1.36
CA SER A 268 -8.94 -38.19 -2.03
C SER A 268 -8.92 -37.69 -3.47
N ARG A 269 -7.92 -36.86 -3.78
CA ARG A 269 -7.65 -36.38 -5.13
C ARG A 269 -6.23 -36.74 -5.50
N LEU A 270 -6.07 -37.57 -6.54
CA LEU A 270 -4.79 -38.12 -6.95
C LEU A 270 -4.67 -38.12 -8.47
N LYS A 271 -3.49 -37.76 -8.99
CA LYS A 271 -3.16 -37.87 -10.40
C LYS A 271 -2.40 -39.18 -10.67
N GLU A 272 -2.25 -39.51 -11.94
CA GLU A 272 -1.41 -40.66 -12.34
C GLU A 272 0.04 -40.19 -12.49
N GLU A 273 0.65 -39.98 -11.32
CA GLU A 273 1.99 -39.40 -11.19
C GLU A 273 2.75 -40.22 -10.14
N ASP A 274 3.53 -41.19 -10.59
CA ASP A 274 4.26 -42.06 -9.67
C ASP A 274 5.15 -43.04 -10.41
N ASP B 1 -1.41 -7.70 -8.45
CA ASP B 1 -2.11 -8.51 -9.44
C ASP B 1 -2.72 -7.64 -10.55
N GLY B 2 -2.67 -6.33 -10.36
CA GLY B 2 -3.13 -5.36 -11.34
C GLY B 2 -2.38 -4.06 -11.11
N ASP B 3 -2.70 -3.06 -11.92
CA ASP B 3 -2.13 -1.72 -11.78
C ASP B 3 -3.21 -0.76 -11.32
N GLU B 4 -2.94 -0.02 -10.24
CA GLU B 4 -3.90 0.89 -9.65
C GLU B 4 -3.50 2.32 -9.94
N TYR B 5 -4.50 3.13 -10.29
CA TYR B 5 -4.31 4.55 -10.55
C TYR B 5 -5.32 5.32 -9.71
N PHE B 6 -4.91 6.44 -9.13
CA PHE B 6 -5.74 7.18 -8.19
C PHE B 6 -5.90 8.64 -8.61
N ILE B 7 -7.14 9.15 -8.50
CA ILE B 7 -7.42 10.58 -8.46
C ILE B 7 -8.09 10.87 -7.13
N GLY B 8 -7.46 11.71 -6.30
CA GLY B 8 -7.98 11.99 -4.98
C GLY B 8 -7.70 10.85 -4.02
N LYS B 9 -8.14 11.04 -2.77
CA LYS B 9 -7.78 10.16 -1.66
C LYS B 9 -9.05 9.59 -1.03
N TYR B 10 -9.22 8.28 -1.12
CA TYR B 10 -10.38 7.62 -0.53
C TYR B 10 -10.34 7.72 0.98
N LYS B 11 -11.49 8.03 1.59
CA LYS B 11 -11.66 7.97 3.03
C LYS B 11 -12.77 6.98 3.37
N GLU B 12 -12.60 6.25 4.47
CA GLU B 12 -13.44 5.09 4.74
C GLU B 12 -14.93 5.45 4.71
N LYS B 13 -15.29 6.61 5.26
CA LYS B 13 -16.70 6.98 5.38
C LYS B 13 -17.32 7.38 4.05
N ASP B 14 -16.52 7.49 2.98
CA ASP B 14 -17.05 7.88 1.68
C ASP B 14 -18.09 6.87 1.19
N GLU B 15 -18.95 7.33 0.30
CA GLU B 15 -19.99 6.52 -0.31
C GLU B 15 -19.61 6.15 -1.73
N THR B 16 -20.10 4.99 -2.17
CA THR B 16 -19.80 4.49 -3.51
C THR B 16 -20.78 5.10 -4.50
N LEU B 17 -20.26 5.80 -5.50
CA LEU B 17 -21.12 6.37 -6.54
C LEU B 17 -21.18 5.51 -7.79
N PHE B 18 -20.12 4.75 -8.08
CA PHE B 18 -20.03 4.01 -9.33
C PHE B 18 -18.95 2.94 -9.19
N PHE B 19 -19.27 1.72 -9.61
CA PHE B 19 -18.29 0.67 -9.84
C PHE B 19 -18.63 0.00 -11.17
N ALA B 20 -17.61 -0.25 -12.00
CA ALA B 20 -17.87 -0.89 -13.29
C ALA B 20 -16.60 -1.53 -13.83
N SER B 21 -16.81 -2.50 -14.72
CA SER B 21 -15.76 -3.29 -15.36
C SER B 21 -15.88 -3.16 -16.88
N TYR B 22 -14.74 -2.97 -17.53
CA TYR B 22 -14.73 -2.69 -18.96
C TYR B 22 -13.66 -3.53 -19.63
N GLY B 23 -14.00 -4.11 -20.78
CA GLY B 23 -13.01 -4.74 -21.65
C GLY B 23 -12.27 -3.72 -22.51
N LEU B 24 -10.94 -3.63 -22.34
CA LEU B 24 -10.18 -2.57 -22.99
C LEU B 24 -9.90 -2.81 -24.46
N LYS B 25 -9.86 -4.07 -24.91
CA LYS B 25 -9.64 -4.35 -26.32
C LYS B 25 -10.96 -4.63 -27.02
N ARG B 26 -11.82 -3.61 -27.06
CA ARG B 26 -13.17 -3.80 -27.57
C ARG B 26 -13.67 -2.53 -28.24
N ASP B 27 -14.19 -2.68 -29.45
CA ASP B 27 -14.87 -1.61 -30.16
C ASP B 27 -16.31 -2.04 -30.43
N PRO B 28 -17.30 -1.33 -29.87
CA PRO B 28 -17.03 -0.19 -28.98
C PRO B 28 -16.91 -0.64 -27.53
N CYS B 29 -16.72 0.30 -26.61
CA CYS B 29 -16.71 -0.06 -25.19
C CYS B 29 -18.14 -0.40 -24.75
N GLN B 30 -18.24 -0.97 -23.54
CA GLN B 30 -19.46 -1.64 -23.12
C GLN B 30 -20.68 -0.70 -23.13
N ILE B 31 -20.49 0.54 -22.71
CA ILE B 31 -21.62 1.46 -22.57
C ILE B 31 -22.53 0.94 -21.47
N VAL B 32 -21.97 0.74 -20.27
CA VAL B 32 -22.74 0.24 -19.14
C VAL B 32 -23.51 1.38 -18.49
N LEU B 33 -24.55 1.01 -17.72
CA LEU B 33 -25.24 1.90 -16.79
C LEU B 33 -25.45 3.30 -17.33
N GLY B 34 -25.69 3.42 -18.63
CA GLY B 34 -26.07 4.69 -19.22
C GLY B 34 -24.99 5.74 -19.37
N TYR B 35 -23.73 5.39 -19.11
CA TYR B 35 -22.62 6.34 -19.27
C TYR B 35 -21.90 6.06 -20.57
N LYS B 36 -21.77 7.09 -21.39
CA LYS B 36 -21.05 6.97 -22.65
C LYS B 36 -19.55 6.80 -22.39
N CYS B 37 -18.90 6.02 -23.25
CA CYS B 37 -17.47 5.76 -23.14
C CYS B 37 -16.89 5.61 -24.53
N SER B 38 -15.57 5.68 -24.63
CA SER B 38 -14.90 5.37 -25.88
C SER B 38 -13.64 4.56 -25.62
N ASN B 39 -13.26 3.77 -26.62
CA ASN B 39 -12.09 2.90 -26.53
C ASN B 39 -11.26 3.05 -27.80
N ASN B 40 -10.05 3.58 -27.64
CA ASN B 40 -9.02 3.65 -28.66
C ASN B 40 -8.03 2.52 -28.47
N GLN B 41 -7.07 2.44 -29.38
CA GLN B 41 -5.83 1.74 -29.10
C GLN B 41 -4.95 2.50 -28.12
N THR B 42 -5.30 3.73 -27.76
CA THR B 42 -4.54 4.52 -26.79
C THR B 42 -5.36 5.14 -25.66
N HIS B 43 -6.68 5.27 -25.79
CA HIS B 43 -7.45 6.02 -24.81
C HIS B 43 -8.79 5.36 -24.49
N PHE B 44 -9.04 5.18 -23.20
CA PHE B 44 -10.36 4.87 -22.68
C PHE B 44 -10.89 6.11 -21.99
N VAL B 45 -12.14 6.46 -22.28
CA VAL B 45 -12.78 7.65 -21.73
C VAL B 45 -14.16 7.28 -21.24
N LEU B 46 -14.48 7.68 -20.00
CA LEU B 46 -15.78 7.43 -19.41
C LEU B 46 -16.41 8.77 -19.03
N ASN B 47 -17.59 9.04 -19.59
CA ASN B 47 -18.28 10.30 -19.32
C ASN B 47 -19.19 10.11 -18.12
N PHE B 48 -18.63 10.28 -16.93
CA PHE B 48 -19.37 10.03 -15.70
C PHE B 48 -20.03 11.30 -15.16
N LYS B 49 -21.22 11.13 -14.60
CA LYS B 49 -21.87 12.18 -13.82
C LYS B 49 -22.82 11.49 -12.85
N THR B 50 -22.61 11.72 -11.55
CA THR B 50 -23.56 11.22 -10.57
C THR B 50 -24.81 12.09 -10.60
N ASN B 51 -25.96 11.46 -10.46
CA ASN B 51 -27.21 12.19 -10.28
C ASN B 51 -27.62 12.24 -8.82
N LYS B 52 -26.71 11.90 -7.93
CA LYS B 52 -26.90 12.07 -6.49
C LYS B 52 -26.36 13.43 -6.05
N LYS B 53 -26.95 13.95 -4.97
CA LYS B 53 -26.46 15.16 -4.32
C LYS B 53 -25.11 14.91 -3.67
N SER B 54 -24.08 14.66 -4.46
CA SER B 54 -22.80 14.22 -3.94
C SER B 54 -21.65 14.85 -4.72
N CYS B 55 -20.51 15.00 -4.04
CA CYS B 55 -19.26 15.45 -4.62
C CYS B 55 -18.37 14.23 -4.86
N ILE B 56 -17.77 14.16 -6.05
CA ILE B 56 -16.76 13.12 -6.22
C ILE B 56 -15.59 13.42 -5.30
N SER B 57 -15.20 12.42 -4.52
CA SER B 57 -14.07 12.50 -3.59
C SER B 57 -12.85 11.72 -4.05
N ALA B 58 -13.01 10.59 -4.72
CA ALA B 58 -11.87 9.78 -5.15
C ALA B 58 -12.29 8.88 -6.31
N ILE B 59 -11.30 8.53 -7.13
CA ILE B 59 -11.51 7.69 -8.30
C ILE B 59 -10.36 6.72 -8.37
N LYS B 60 -10.67 5.44 -8.57
CA LYS B 60 -9.66 4.40 -8.67
C LYS B 60 -9.91 3.60 -9.94
N LEU B 61 -8.89 3.49 -10.78
CA LEU B 61 -8.94 2.64 -11.96
C LEU B 61 -7.85 1.58 -11.80
N THR B 62 -8.22 0.34 -12.03
CA THR B 62 -7.30 -0.79 -11.94
C THR B 62 -7.31 -1.50 -13.29
N SER B 63 -6.14 -1.61 -13.92
CA SER B 63 -5.99 -2.25 -15.22
C SER B 63 -5.35 -3.61 -15.06
N TYR B 64 -5.60 -4.48 -16.04
CA TYR B 64 -5.14 -5.86 -16.00
C TYR B 64 -4.59 -6.27 -17.37
N PRO B 65 -3.49 -7.03 -17.38
CA PRO B 65 -2.77 -7.44 -16.17
C PRO B 65 -1.75 -6.39 -15.71
N LYS B 66 -0.92 -6.78 -14.75
CA LYS B 66 0.11 -5.89 -14.24
C LYS B 66 1.16 -5.61 -15.32
N ILE B 67 1.60 -4.36 -15.39
CA ILE B 67 2.63 -3.93 -16.32
C ILE B 67 3.64 -3.10 -15.55
N ASN B 68 4.93 -3.40 -15.73
CA ASN B 68 5.96 -2.60 -15.12
C ASN B 68 6.00 -1.24 -15.79
N GLN B 69 5.97 -0.18 -14.99
CA GLN B 69 6.00 1.17 -15.54
C GLN B 69 6.71 2.16 -14.61
N SER B 71 5.14 4.81 -13.29
CA SER B 71 3.70 5.07 -13.22
C SER B 71 3.42 6.49 -12.72
N ASP B 72 3.82 6.75 -11.48
CA ASP B 72 3.68 8.09 -10.94
C ASP B 72 4.68 9.08 -11.54
N LEU B 73 5.49 8.65 -12.51
CA LEU B 73 6.36 9.51 -13.31
C LEU B 73 5.68 10.02 -14.59
N THR B 74 4.37 9.79 -14.75
CA THR B 74 3.55 10.33 -15.83
C THR B 74 2.12 10.43 -15.29
N ARG B 75 1.17 10.90 -16.11
CA ARG B 75 -0.23 10.92 -15.67
C ARG B 75 -1.13 10.25 -16.71
N ASN B 76 -1.58 9.05 -16.37
CA ASN B 76 -2.40 8.24 -17.25
C ASN B 76 -3.86 8.22 -16.83
N LEU B 77 -4.20 8.89 -15.73
CA LEU B 77 -5.58 8.96 -15.26
C LEU B 77 -5.87 10.39 -14.84
N TYR B 78 -6.80 11.05 -15.52
CA TYR B 78 -7.16 12.40 -15.15
C TYR B 78 -8.53 12.73 -15.70
N CYS B 79 -9.13 13.77 -15.14
CA CYS B 79 -10.43 14.25 -15.60
C CYS B 79 -10.19 15.35 -16.61
N GLN B 80 -10.66 15.15 -17.84
CA GLN B 80 -10.60 16.22 -18.82
C GLN B 80 -11.58 17.33 -18.48
N THR B 81 -12.73 16.98 -17.91
CA THR B 81 -13.69 17.97 -17.44
C THR B 81 -14.24 17.48 -16.11
N GLY B 82 -14.67 18.43 -15.27
CA GLY B 82 -15.03 18.11 -13.90
C GLY B 82 -13.83 17.65 -13.08
N GLY B 83 -14.10 16.73 -12.13
CA GLY B 83 -13.07 16.15 -11.29
C GLY B 83 -13.42 16.23 -9.81
N ILE B 84 -12.39 16.06 -8.97
CA ILE B 84 -12.59 15.98 -7.54
C ILE B 84 -13.26 17.25 -7.03
N GLY B 85 -14.35 17.07 -6.27
CA GLY B 85 -15.08 18.18 -5.72
C GLY B 85 -16.25 18.65 -6.55
N THR B 86 -16.61 17.92 -7.61
CA THR B 86 -17.78 18.16 -8.44
C THR B 86 -18.59 16.85 -8.58
N ASP B 87 -19.72 16.94 -9.29
CA ASP B 87 -20.58 15.79 -9.51
C ASP B 87 -20.29 15.06 -10.80
N ASN B 88 -19.15 15.33 -11.43
CA ASN B 88 -18.91 14.76 -12.75
C ASN B 88 -17.41 14.64 -13.00
N CYS B 89 -17.06 13.76 -13.93
CA CYS B 89 -15.68 13.63 -14.38
C CYS B 89 -15.69 12.99 -15.75
N LYS B 90 -15.08 13.64 -16.74
CA LYS B 90 -14.82 12.96 -18.00
C LYS B 90 -13.49 12.27 -17.83
N LEU B 91 -13.55 10.98 -17.47
CA LEU B 91 -12.39 10.25 -17.01
C LEU B 91 -11.60 9.73 -18.19
N VAL B 92 -10.33 10.10 -18.26
CA VAL B 92 -9.44 9.70 -19.36
C VAL B 92 -8.38 8.76 -18.82
N PHE B 93 -8.21 7.61 -19.46
CA PHE B 93 -7.17 6.65 -19.10
C PHE B 93 -6.28 6.39 -20.30
N LYS B 94 -4.98 6.70 -20.17
CA LYS B 94 -4.01 6.42 -21.22
C LYS B 94 -3.60 4.95 -21.15
N LYS B 95 -4.00 4.16 -22.14
CA LYS B 95 -3.78 2.72 -22.08
C LYS B 95 -2.37 2.36 -22.51
N ARG B 96 -1.88 1.25 -21.98
CA ARG B 96 -0.63 0.65 -22.41
C ARG B 96 -0.91 -0.64 -23.18
N LYS B 97 0.07 -1.04 -23.98
CA LYS B 97 -0.06 -2.14 -24.92
C LYS B 97 -0.86 -3.33 -24.39
N ARG B 98 -0.33 -4.01 -23.39
CA ARG B 98 -0.85 -5.31 -22.97
C ARG B 98 -2.08 -5.24 -22.08
N GLN B 99 -2.73 -4.09 -21.95
CA GLN B 99 -3.87 -3.97 -21.05
C GLN B 99 -5.15 -4.48 -21.72
N ILE B 100 -5.91 -5.29 -20.98
CA ILE B 100 -7.11 -5.92 -21.52
C ILE B 100 -8.36 -5.61 -20.72
N ALA B 101 -8.25 -5.09 -19.51
CA ALA B 101 -9.43 -4.91 -18.67
C ALA B 101 -9.23 -3.73 -17.73
N ALA B 102 -10.34 -3.10 -17.36
CA ALA B 102 -10.32 -2.01 -16.40
C ALA B 102 -11.48 -2.13 -15.42
N ASN B 103 -11.17 -1.97 -14.14
CA ASN B 103 -12.16 -1.80 -13.07
C ASN B 103 -12.11 -0.34 -12.66
N ILE B 104 -13.27 0.27 -12.46
CA ILE B 104 -13.34 1.70 -12.16
C ILE B 104 -14.27 1.93 -10.97
N GLU B 105 -13.76 2.64 -9.96
CA GLU B 105 -14.52 2.94 -8.76
C GLU B 105 -14.51 4.45 -8.55
N ILE B 106 -15.68 5.00 -8.24
CA ILE B 106 -15.85 6.42 -8.05
C ILE B 106 -16.58 6.61 -6.72
N TYR B 107 -15.99 7.38 -5.81
CA TYR B 107 -16.50 7.62 -4.47
C TYR B 107 -16.86 9.09 -4.26
N GLY B 108 -17.79 9.35 -3.36
CA GLY B 108 -18.18 10.74 -3.14
C GLY B 108 -18.67 10.99 -1.72
N ILE B 109 -18.94 12.26 -1.43
CA ILE B 109 -19.57 12.64 -0.17
C ILE B 109 -20.76 13.57 -0.44
N PRO B 110 -21.61 13.83 0.56
CA PRO B 110 -22.75 14.72 0.33
C PRO B 110 -22.29 16.11 -0.09
N ALA B 111 -23.04 16.70 -1.03
CA ALA B 111 -22.62 17.95 -1.64
C ALA B 111 -22.68 19.12 -0.66
N LYS B 112 -23.68 19.11 0.24
CA LYS B 112 -23.83 20.21 1.19
C LYS B 112 -22.59 20.35 2.08
N LYS B 113 -21.87 19.25 2.33
CA LYS B 113 -20.68 19.29 3.18
C LYS B 113 -19.46 18.84 2.39
N CYS B 114 -19.30 19.40 1.20
CA CYS B 114 -18.22 19.02 0.28
C CYS B 114 -16.94 19.68 0.77
N SER B 115 -16.24 18.99 1.66
CA SER B 115 -15.01 19.48 2.27
C SER B 115 -14.02 18.33 2.40
N PHE B 116 -12.76 18.61 2.03
CA PHE B 116 -11.70 17.60 2.02
C PHE B 116 -10.52 17.95 2.93
N LYS B 117 -10.58 19.07 3.65
CA LYS B 117 -9.39 19.55 4.35
C LYS B 117 -8.75 18.46 5.20
N ASP B 118 -9.56 17.74 5.98
CA ASP B 118 -9.01 16.82 6.97
C ASP B 118 -8.22 15.68 6.34
N ARG B 119 -8.69 15.14 5.21
CA ARG B 119 -7.98 14.01 4.62
C ARG B 119 -6.66 14.41 3.96
N TYR B 120 -6.46 15.68 3.60
CA TYR B 120 -5.17 16.10 3.04
C TYR B 120 -4.28 16.84 4.02
N ILE B 121 -4.83 17.49 5.04
CA ILE B 121 -4.01 18.12 6.07
C ILE B 121 -3.33 17.08 6.93
N GLY B 122 -4.11 16.20 7.55
CA GLY B 122 -3.55 15.10 8.31
C GLY B 122 -3.22 15.46 9.75
N ALA B 123 -2.47 14.55 10.38
CA ALA B 123 -2.09 14.68 11.77
C ALA B 123 -0.83 15.50 11.99
N ASP B 124 0.09 15.49 11.03
CA ASP B 124 1.42 16.09 11.20
C ASP B 124 1.65 17.14 10.12
N PRO B 125 0.75 18.12 10.00
CA PRO B 125 0.93 19.15 8.95
C PRO B 125 2.24 19.91 9.07
N LEU B 126 2.75 20.08 10.29
CA LEU B 126 4.03 20.74 10.46
C LEU B 126 5.14 19.95 9.78
N HIS B 127 5.13 18.62 9.94
CA HIS B 127 6.21 17.79 9.41
C HIS B 127 5.86 17.11 8.10
N VAL B 128 4.58 16.87 7.82
CA VAL B 128 4.15 16.03 6.71
C VAL B 128 3.29 16.84 5.77
N ASP B 129 3.66 16.87 4.49
CA ASP B 129 2.90 17.55 3.45
C ASP B 129 1.64 16.76 3.10
N SER B 130 0.88 17.26 2.12
CA SER B 130 -0.40 16.69 1.72
C SER B 130 -0.27 15.52 0.75
N TYR B 131 0.95 15.15 0.37
CA TYR B 131 1.16 13.92 -0.37
C TYR B 131 1.48 12.74 0.56
N GLY B 132 1.56 12.98 1.86
CA GLY B 132 2.03 11.98 2.81
C GLY B 132 3.53 11.94 2.99
N LEU B 133 4.25 12.80 2.29
CA LEU B 133 5.71 12.89 2.37
C LEU B 133 6.11 13.99 3.34
N SER B 134 7.14 13.71 4.13
CA SER B 134 7.60 14.68 5.11
C SER B 134 8.57 15.65 4.46
N TYR B 135 8.46 16.91 4.86
CA TYR B 135 9.38 17.92 4.35
C TYR B 135 10.80 17.58 4.78
N GLN B 136 11.74 17.70 3.86
CA GLN B 136 13.15 17.54 4.15
C GLN B 136 13.92 18.79 3.75
N PHE B 137 15.01 19.04 4.46
CA PHE B 137 15.66 20.33 4.43
C PHE B 137 17.12 20.17 4.05
N ASP B 138 17.63 21.11 3.25
CA ASP B 138 19.03 21.06 2.82
C ASP B 138 19.95 21.56 3.93
N GLN B 139 21.16 21.04 3.94
CA GLN B 139 22.20 21.44 4.89
C GLN B 139 23.06 22.56 4.29
N GLU B 140 22.40 23.65 3.95
CA GLU B 140 23.02 24.81 3.33
C GLU B 140 22.23 26.06 3.70
N HIS B 141 20.95 26.08 3.31
CA HIS B 141 20.03 27.14 3.71
C HIS B 141 19.14 26.74 4.88
N GLY B 142 18.89 25.45 5.07
CA GLY B 142 17.84 25.00 5.96
C GLY B 142 16.46 25.08 5.34
N TRP B 143 16.38 25.09 4.01
CA TRP B 143 15.13 25.21 3.29
C TRP B 143 14.75 23.87 2.68
N ASN B 144 13.45 23.67 2.45
CA ASN B 144 12.97 22.36 2.03
C ASN B 144 13.50 22.00 0.66
N LEU B 145 13.78 20.71 0.47
CA LEU B 145 14.33 20.19 -0.77
C LEU B 145 13.24 19.91 -1.79
N GLU B 146 13.57 20.17 -3.05
CA GLU B 146 12.73 19.76 -4.16
C GLU B 146 12.52 18.23 -4.13
N ARG B 147 11.26 17.79 -4.22
CA ARG B 147 10.96 16.36 -4.25
C ARG B 147 11.52 15.73 -5.52
N ASN B 148 11.92 14.46 -5.41
CA ASN B 148 12.71 13.83 -6.46
C ASN B 148 12.09 12.63 -7.14
N ASN B 149 11.10 11.97 -6.54
CA ASN B 149 10.59 10.73 -7.11
C ASN B 149 9.10 10.88 -7.33
N ILE B 150 8.76 11.73 -8.30
CA ILE B 150 7.42 12.26 -8.43
C ILE B 150 7.31 13.01 -9.75
N PHE B 151 6.11 13.03 -10.31
CA PHE B 151 5.87 13.80 -11.51
C PHE B 151 6.09 15.30 -11.26
N LYS B 152 6.93 15.93 -12.07
CA LYS B 152 7.14 17.37 -11.91
C LYS B 152 7.49 18.03 -13.23
N ASP B 153 6.92 19.21 -13.45
CA ASP B 153 7.16 20.08 -14.60
C ASP B 153 7.72 21.40 -14.14
N THR B 154 8.57 22.00 -14.98
CA THR B 154 9.02 23.37 -14.79
C THR B 154 8.42 24.27 -15.88
N ARG B 155 8.35 25.57 -15.59
CA ARG B 155 7.81 26.50 -16.57
C ARG B 155 8.62 27.79 -16.62
N PHE B 156 8.25 28.80 -15.85
CA PHE B 156 9.10 29.98 -15.82
C PHE B 156 10.12 29.82 -14.70
N SER B 157 11.06 30.76 -14.63
CA SER B 157 12.16 30.60 -13.69
C SER B 157 11.65 30.47 -12.26
N THR B 158 12.14 29.45 -11.56
CA THR B 158 11.85 29.06 -10.18
C THR B 158 10.51 28.32 -10.03
N GLU B 159 9.70 28.19 -11.08
CA GLU B 159 8.45 27.45 -10.95
C GLU B 159 8.69 25.95 -10.99
N VAL B 160 8.15 25.24 -10.01
CA VAL B 160 8.10 23.77 -10.03
C VAL B 160 6.67 23.37 -9.69
N PHE B 161 6.02 22.62 -10.59
CA PHE B 161 4.71 22.05 -10.34
C PHE B 161 4.83 20.55 -10.15
N TYR B 162 4.22 20.02 -9.09
CA TYR B 162 4.23 18.59 -8.83
C TYR B 162 2.82 18.03 -9.00
N HIS B 163 2.76 16.72 -9.29
CA HIS B 163 1.49 16.01 -9.45
C HIS B 163 1.63 14.62 -8.84
N LYS B 164 0.63 14.20 -8.07
CA LYS B 164 0.59 12.82 -7.60
C LYS B 164 -0.85 12.47 -7.22
N ASN B 165 -1.34 11.36 -7.78
CA ASN B 165 -2.70 10.88 -7.55
C ASN B 165 -3.73 11.98 -7.80
N GLY B 166 -3.58 12.65 -8.93
CA GLY B 166 -4.49 13.68 -9.32
C GLY B 166 -4.30 15.03 -8.64
N LEU B 167 -3.47 15.12 -7.61
CA LEU B 167 -3.34 16.33 -6.79
C LEU B 167 -2.10 17.13 -7.22
N PHE B 168 -2.32 18.33 -7.72
CA PHE B 168 -1.20 19.22 -8.08
C PHE B 168 -0.68 19.97 -6.84
N ASN B 169 0.60 20.35 -6.89
CA ASN B 169 1.24 21.16 -5.85
C ASN B 169 2.21 22.20 -6.43
N THR B 170 2.25 23.37 -5.81
CA THR B 170 3.33 24.31 -6.02
C THR B 170 3.63 24.97 -4.69
N GLN B 171 4.85 25.50 -4.57
CA GLN B 171 5.37 25.97 -3.29
C GLN B 171 5.87 27.41 -3.38
N ILE B 172 5.47 28.23 -2.40
CA ILE B 172 5.68 29.68 -2.42
C ILE B 172 6.21 30.10 -1.05
N THR B 173 7.53 30.15 -0.91
CA THR B 173 8.44 29.73 -1.94
C THR B 173 9.33 28.60 -1.37
N TYR B 174 10.02 28.85 -0.26
CA TYR B 174 10.80 27.82 0.42
C TYR B 174 10.35 27.72 1.88
N LEU B 175 10.20 26.49 2.36
CA LEU B 175 9.87 26.24 3.75
C LEU B 175 11.15 26.09 4.55
N ALA B 176 11.20 26.73 5.71
CA ALA B 176 12.31 26.58 6.65
C ALA B 176 11.84 25.77 7.86
N GLU B 177 12.76 24.99 8.43
CA GLU B 177 12.41 24.12 9.55
C GLU B 177 11.98 24.91 10.78
N GLU B 178 12.33 26.20 10.85
CA GLU B 178 11.86 27.07 11.92
C GLU B 178 10.40 27.47 11.76
N ASP B 179 9.89 27.54 10.52
CA ASP B 179 8.50 27.94 10.31
C ASP B 179 7.57 27.02 11.09
N SER B 180 6.48 27.58 11.60
CA SER B 180 5.45 26.78 12.24
C SER B 180 4.23 26.71 11.33
N PHE B 181 3.52 25.59 11.38
CA PHE B 181 2.29 25.45 10.61
C PHE B 181 1.16 26.17 11.34
N SER B 182 0.52 27.12 10.65
CA SER B 182 -0.46 27.98 11.27
C SER B 182 -1.89 27.50 11.09
N GLU B 183 -2.29 27.27 9.84
CA GLU B 183 -3.68 27.02 9.47
C GLU B 183 -3.68 26.48 8.04
N ALA B 184 -4.81 25.89 7.66
CA ALA B 184 -5.03 25.49 6.27
C ALA B 184 -6.34 26.11 5.77
N ARG B 185 -6.33 26.62 4.55
CA ARG B 185 -7.51 27.19 3.90
C ARG B 185 -7.90 26.35 2.69
N GLU B 186 -9.18 26.01 2.56
CA GLU B 186 -9.67 25.32 1.39
C GLU B 186 -10.65 26.19 0.62
N ILE B 187 -10.64 26.03 -0.70
CA ILE B 187 -11.61 26.67 -1.59
C ILE B 187 -12.28 25.57 -2.40
N THR B 188 -13.60 25.45 -2.27
CA THR B 188 -14.36 24.47 -3.02
C THR B 188 -14.99 25.11 -4.25
N ALA B 189 -15.61 24.26 -5.07
CA ALA B 189 -16.01 24.65 -6.40
C ALA B 189 -16.96 25.84 -6.39
N LYS B 190 -17.86 25.91 -5.39
CA LYS B 190 -18.82 27.00 -5.33
C LYS B 190 -18.15 28.37 -5.30
N ASP B 191 -16.88 28.44 -4.86
CA ASP B 191 -16.15 29.70 -4.72
C ASP B 191 -14.99 29.84 -5.72
N ILE B 192 -14.87 28.95 -6.70
CA ILE B 192 -13.77 28.96 -7.64
C ILE B 192 -14.26 29.58 -8.94
N LYS B 193 -13.41 30.41 -9.55
CA LYS B 193 -13.69 31.00 -10.85
C LYS B 193 -12.43 30.88 -11.68
N LYS B 194 -12.44 31.43 -12.90
CA LYS B 194 -11.19 31.46 -13.64
C LYS B 194 -10.13 32.20 -12.83
N LYS B 195 -10.53 33.31 -12.18
CA LYS B 195 -9.69 34.07 -11.28
C LYS B 195 -10.35 34.13 -9.91
N PHE B 196 -9.63 33.74 -8.86
CA PHE B 196 -10.17 33.87 -7.51
C PHE B 196 -9.03 34.08 -6.53
N SER B 197 -9.37 34.56 -5.34
CA SER B 197 -8.32 34.87 -4.38
C SER B 197 -8.81 34.59 -2.99
N ILE B 198 -7.87 34.53 -2.06
CA ILE B 198 -8.18 34.43 -0.64
C ILE B 198 -7.29 35.43 0.10
N ILE B 199 -7.71 35.79 1.32
CA ILE B 199 -7.04 36.77 2.18
C ILE B 199 -6.55 36.05 3.43
N LEU B 200 -5.26 36.19 3.74
CA LEU B 200 -4.63 35.52 4.87
C LEU B 200 -4.11 36.54 5.88
N PRO B 201 -4.13 36.22 7.17
CA PRO B 201 -3.56 37.13 8.17
C PRO B 201 -2.04 37.20 8.04
N ASN B 202 -1.47 38.30 8.53
CA ASN B 202 -0.04 38.50 8.31
C ASN B 202 0.62 39.31 9.43
N GLU B 203 -0.04 39.53 10.56
CA GLU B 203 0.47 40.41 11.60
C GLU B 203 1.37 39.64 12.58
N GLU B 204 2.34 40.37 13.14
CA GLU B 204 3.21 39.90 14.23
C GLU B 204 3.69 38.47 14.05
N TYR B 205 3.14 37.55 14.83
CA TYR B 205 3.59 36.16 14.82
C TYR B 205 3.06 35.41 13.60
N LYS B 206 1.87 35.76 13.12
CA LYS B 206 1.27 35.12 11.98
C LYS B 206 1.89 35.59 10.67
N ARG B 207 3.09 36.17 10.69
CA ARG B 207 3.74 36.60 9.46
C ARG B 207 3.97 35.40 8.55
N ILE B 208 3.34 35.42 7.37
CA ILE B 208 3.46 34.31 6.43
C ILE B 208 4.90 34.13 6.02
N SER B 209 5.41 32.90 6.14
CA SER B 209 6.73 32.54 5.65
C SER B 209 6.70 31.60 4.46
N PHE B 210 5.61 30.87 4.23
CA PHE B 210 5.61 29.82 3.23
C PHE B 210 4.19 29.35 2.99
N LEU B 211 3.84 29.16 1.73
CA LEU B 211 2.54 28.62 1.33
C LEU B 211 2.79 27.33 0.54
N ASP B 212 2.21 26.22 1.01
CA ASP B 212 2.18 24.95 0.30
C ASP B 212 0.82 24.81 -0.36
N VAL B 213 0.74 24.96 -1.68
CA VAL B 213 -0.53 25.07 -2.37
C VAL B 213 -0.83 23.80 -3.16
N TYR B 214 -2.04 23.27 -2.99
CA TYR B 214 -2.46 22.01 -3.61
C TYR B 214 -3.81 22.19 -4.30
N TRP B 215 -4.02 21.48 -5.41
CA TRP B 215 -5.30 21.61 -6.10
C TRP B 215 -5.58 20.45 -7.05
N PHE B 216 -6.86 20.28 -7.38
CA PHE B 216 -7.31 19.49 -8.50
C PHE B 216 -7.81 20.42 -9.60
N GLN B 217 -7.54 20.06 -10.85
CA GLN B 217 -8.00 20.85 -11.98
C GLN B 217 -8.28 19.94 -13.16
N GLU B 218 -9.24 20.35 -13.98
CA GLU B 218 -9.38 19.84 -15.34
C GLU B 218 -8.12 20.08 -16.15
N THR B 219 -7.85 19.17 -17.09
CA THR B 219 -6.78 19.34 -18.05
C THR B 219 -7.29 18.81 -19.38
N MET B 220 -7.43 19.71 -20.36
CA MET B 220 -7.83 19.33 -21.70
C MET B 220 -6.89 18.28 -22.30
N ARG B 221 -5.62 18.28 -21.90
CA ARG B 221 -4.63 17.35 -22.47
C ARG B 221 -3.82 16.73 -21.34
N LYS B 222 -3.02 15.72 -21.69
CA LYS B 222 -2.09 15.12 -20.71
C LYS B 222 -1.15 16.17 -20.14
N LYS B 223 -0.70 17.12 -20.95
CA LYS B 223 0.11 18.24 -20.45
C LYS B 223 -0.81 19.31 -19.86
N PRO B 224 -0.72 19.61 -18.57
CA PRO B 224 -1.62 20.62 -18.00
C PRO B 224 -1.21 22.03 -18.38
N LYS B 225 -2.21 22.93 -18.37
CA LYS B 225 -1.96 24.37 -18.35
C LYS B 225 -1.96 24.79 -16.88
N TYR B 226 -0.78 25.02 -16.35
CA TYR B 226 -0.67 25.29 -14.92
C TYR B 226 -1.12 26.71 -14.59
N PRO B 227 -1.56 26.94 -13.37
CA PRO B 227 -2.07 28.25 -13.00
C PRO B 227 -0.91 29.19 -12.64
N TYR B 228 -1.25 30.44 -12.38
CA TYR B 228 -0.29 31.43 -11.89
C TYR B 228 -0.82 31.87 -10.54
N ILE B 229 -0.22 31.33 -9.48
CA ILE B 229 -0.64 31.59 -8.11
C ILE B 229 0.40 32.50 -7.51
N HIS B 230 -0.04 33.62 -6.93
CA HIS B 230 0.87 34.70 -6.62
C HIS B 230 0.21 35.70 -5.68
N TYR B 231 0.99 36.27 -4.79
CA TYR B 231 0.50 37.38 -4.00
C TYR B 231 0.07 38.53 -4.91
N ASN B 232 -0.95 39.27 -4.46
CA ASN B 232 -1.35 40.51 -5.12
C ASN B 232 -0.36 41.59 -4.70
N GLY B 233 0.71 41.76 -5.46
CA GLY B 233 1.81 42.59 -5.00
C GLY B 233 2.67 41.83 -3.99
N GLU B 234 3.54 42.57 -3.32
CA GLU B 234 4.42 41.99 -2.32
C GLU B 234 3.68 41.76 -1.00
N CYS B 235 3.96 40.61 -0.37
CA CYS B 235 3.51 40.35 0.98
C CYS B 235 4.61 40.82 1.92
N SER B 236 4.52 42.07 2.36
CA SER B 236 5.60 42.71 3.10
C SER B 236 5.30 42.68 4.59
N ASN B 237 6.33 43.00 5.38
CA ASN B 237 6.16 43.00 6.83
C ASN B 237 5.18 44.06 7.31
N GLU B 238 4.71 44.94 6.43
CA GLU B 238 3.75 45.97 6.80
C GLU B 238 2.31 45.59 6.50
N ASN B 239 2.08 44.58 5.66
CA ASN B 239 0.73 44.14 5.35
C ASN B 239 0.13 43.45 6.58
N LYS B 240 -1.02 43.94 7.03
CA LYS B 240 -1.76 43.24 8.07
C LYS B 240 -2.43 41.98 7.54
N THR B 241 -2.65 41.90 6.24
CA THR B 241 -3.11 40.68 5.59
C THR B 241 -2.53 40.65 4.19
N CYS B 242 -2.54 39.46 3.58
CA CYS B 242 -1.97 39.29 2.25
C CYS B 242 -2.97 38.57 1.39
N GLU B 243 -3.22 39.10 0.21
CA GLU B 243 -4.10 38.48 -0.77
C GLU B 243 -3.30 37.54 -1.65
N LEU B 244 -3.78 36.30 -1.78
CA LEU B 244 -3.22 35.27 -2.66
C LEU B 244 -4.16 35.07 -3.83
N VAL B 245 -3.69 35.34 -5.05
CA VAL B 245 -4.49 35.33 -6.27
C VAL B 245 -4.20 34.05 -7.03
N PHE B 246 -5.28 33.38 -7.50
CA PHE B 246 -5.21 32.22 -8.39
C PHE B 246 -5.66 32.67 -9.77
N ASP B 247 -4.72 32.87 -10.67
CA ASP B 247 -5.01 33.17 -12.06
C ASP B 247 -4.87 31.85 -12.82
N THR B 248 -5.97 31.36 -13.40
CA THR B 248 -5.93 30.03 -13.99
C THR B 248 -6.25 30.07 -15.48
N ASP B 249 -5.66 29.14 -16.22
CA ASP B 249 -6.07 28.92 -17.60
C ASP B 249 -6.97 27.69 -17.77
N GLU B 250 -6.99 26.80 -16.77
CA GLU B 250 -7.92 25.67 -16.73
C GLU B 250 -8.62 25.69 -15.38
N LEU B 251 -9.89 25.33 -15.40
CA LEU B 251 -10.74 25.42 -14.22
C LEU B 251 -10.28 24.47 -13.12
N MET B 252 -10.05 25.01 -11.92
CA MET B 252 -9.82 24.20 -10.73
C MET B 252 -11.16 23.75 -10.14
N THR B 253 -11.12 22.62 -9.45
CA THR B 253 -12.33 22.12 -8.82
C THR B 253 -12.21 22.06 -7.30
N TYR B 254 -11.01 22.15 -6.77
CA TYR B 254 -10.78 22.18 -5.34
C TYR B 254 -9.35 22.62 -5.10
N ALA B 255 -9.13 23.48 -4.10
CA ALA B 255 -7.79 23.97 -3.80
C ALA B 255 -7.58 24.02 -2.28
N LEU B 256 -6.33 23.85 -1.87
CA LEU B 256 -6.00 23.78 -0.44
C LEU B 256 -4.67 24.47 -0.23
N VAL B 257 -4.61 25.36 0.77
CA VAL B 257 -3.42 26.18 1.05
C VAL B 257 -3.01 25.94 2.48
N LYS B 258 -1.81 25.40 2.68
CA LYS B 258 -1.20 25.30 4.00
C LYS B 258 -0.40 26.56 4.29
N VAL B 259 -0.68 27.23 5.40
CA VAL B 259 -0.04 28.50 5.74
C VAL B 259 0.98 28.26 6.84
N PHE B 260 2.26 28.49 6.53
CA PHE B 260 3.34 28.44 7.51
C PHE B 260 3.79 29.87 7.84
N THR B 261 4.05 30.12 9.13
CA THR B 261 4.37 31.45 9.63
C THR B 261 5.73 31.48 10.32
N ASN B 262 6.37 32.64 10.26
CA ASN B 262 7.62 32.92 10.97
C ASN B 262 7.74 34.42 11.21
N PRO B 263 7.85 34.85 12.47
CA PRO B 263 7.93 36.30 12.73
C PRO B 263 9.16 36.96 12.12
N GLU B 264 10.31 36.29 12.10
CA GLU B 264 11.55 36.91 11.64
C GLU B 264 11.96 36.32 10.30
N SER B 265 11.19 36.64 9.27
CA SER B 265 11.55 36.37 7.89
C SER B 265 11.04 37.51 7.02
N ASP B 266 11.75 37.78 5.92
CA ASP B 266 11.49 38.96 5.10
C ASP B 266 10.77 38.61 3.79
N GLY B 267 9.98 37.54 3.78
CA GLY B 267 9.07 37.23 2.69
C GLY B 267 9.71 37.12 1.32
N SER B 268 11.01 36.90 1.25
CA SER B 268 11.72 36.93 -0.03
C SER B 268 12.85 35.90 0.06
N ARG B 269 12.49 34.62 -0.05
CA ARG B 269 13.46 33.53 0.00
C ARG B 269 13.76 33.07 -1.42
N LEU B 270 15.04 33.15 -1.79
CA LEU B 270 15.50 32.68 -3.08
C LEU B 270 17.01 32.52 -3.00
N LYS B 271 17.54 31.59 -3.80
CA LYS B 271 18.93 31.16 -3.69
C LYS B 271 19.70 31.42 -4.99
N GLU B 272 21.03 31.41 -4.87
CA GLU B 272 21.89 31.61 -6.02
C GLU B 272 23.36 31.46 -5.65
C1 NAG C . 28.67 -14.41 11.44
C2 NAG C . 29.34 -15.69 11.90
C3 NAG C . 28.34 -16.84 11.99
C4 NAG C . 27.18 -16.45 12.88
C5 NAG C . 26.54 -15.16 12.34
C6 NAG C . 25.47 -14.64 13.25
C7 NAG C . 31.66 -16.38 11.47
C8 NAG C . 31.84 -16.38 12.96
N2 NAG C . 30.45 -16.05 11.03
O3 NAG C . 29.02 -17.95 12.55
O4 NAG C . 26.19 -17.47 12.87
O5 NAG C . 27.54 -14.13 12.26
O6 NAG C . 26.00 -14.46 14.56
O7 NAG C . 32.57 -16.68 10.71
C1 NAG C . 26.13 -18.14 14.14
C2 NAG C . 24.72 -18.67 14.32
C3 NAG C . 24.62 -19.47 15.61
C4 NAG C . 25.65 -20.59 15.62
C5 NAG C . 27.04 -20.01 15.37
C6 NAG C . 28.09 -21.09 15.19
C7 NAG C . 22.90 -17.40 13.27
C8 NAG C . 21.96 -16.26 13.40
N2 NAG C . 23.74 -17.60 14.29
O3 NAG C . 23.31 -19.97 15.75
O4 NAG C . 25.65 -21.26 16.87
O5 NAG C . 27.06 -19.22 14.18
O6 NAG C . 27.94 -21.75 13.94
O7 NAG C . 22.90 -18.14 12.28
C1 BMA C . 24.67 -22.33 16.91
C2 BMA C . 25.41 -23.66 17.06
C3 BMA C . 24.40 -24.79 17.18
C4 BMA C . 23.41 -24.53 18.33
C5 BMA C . 22.72 -23.12 18.16
C6 BMA C . 21.83 -22.71 19.34
O2 BMA C . 26.20 -23.72 18.25
O3 BMA C . 25.07 -26.04 17.35
O4 BMA C . 22.41 -25.55 18.35
O5 BMA C . 23.75 -22.10 17.95
O6 BMA C . 20.98 -23.80 19.73
C1 NAG D . -8.40 8.62 -29.05
C2 NAG D . -8.27 9.12 -30.46
C3 NAG D . -8.11 10.63 -30.46
C4 NAG D . -9.13 11.32 -29.54
C5 NAG D . -9.41 10.55 -28.25
C6 NAG D . -10.69 10.96 -27.57
C7 NAG D . -7.16 8.13 -32.42
C8 NAG D . -5.89 7.51 -32.95
N2 NAG D . -7.13 8.49 -31.13
O3 NAG D . -8.24 11.12 -31.78
O4 NAG D . -8.61 12.60 -29.18
O5 NAG D . -9.54 9.13 -28.49
O6 NAG D . -11.33 9.86 -26.95
O7 NAG D . -8.15 8.29 -33.12
C1 NAG D . -9.56 13.68 -29.12
C2 NAG D . -9.18 14.59 -27.97
C3 NAG D . -10.20 15.69 -27.82
C4 NAG D . -10.20 16.52 -29.11
C5 NAG D . -10.47 15.65 -30.34
C6 NAG D . -10.21 16.41 -31.61
C7 NAG D . -9.93 13.51 -25.90
C8 NAG D . -9.49 12.81 -24.64
N2 NAG D . -8.96 13.89 -26.71
O3 NAG D . -9.90 16.51 -26.70
O4 NAG D . -11.14 17.60 -29.05
O5 NAG D . -9.63 14.47 -30.36
O6 NAG D . -10.20 17.81 -31.39
O7 NAG D . -11.11 13.70 -26.16
C1 GOL E . 12.18 -12.42 3.43
O1 GOL E . 11.11 -13.33 3.25
C2 GOL E . 13.52 -13.03 2.92
O2 GOL E . 13.72 -14.28 3.42
C3 GOL E . 13.49 -12.94 1.40
O3 GOL E . 14.77 -13.33 0.92
H11 GOL E . 12.28 -12.18 4.37
H12 GOL E . 12.02 -11.58 2.96
HO1 GOL E . 10.90 -13.31 2.41
H2 GOL E . 14.29 -12.51 3.23
HO2 GOL E . 13.04 -14.48 3.91
H31 GOL E . 13.23 -12.04 1.15
H32 GOL E . 12.77 -13.50 1.08
HO3 GOL E . 15.14 -12.64 0.60
C1 NAG F . -12.40 -40.36 11.48
C2 NAG F . -11.20 -39.67 12.13
C3 NAG F . -10.32 -40.72 12.80
C4 NAG F . -11.14 -41.56 13.77
C5 NAG F . -12.39 -42.12 13.09
C6 NAG F . -13.33 -42.83 14.04
C7 NAG F . -10.08 -37.61 11.37
C8 NAG F . -9.30 -36.96 10.26
N2 NAG F . -10.44 -38.89 11.17
O3 NAG F . -9.20 -40.12 13.47
O4 NAG F . -10.37 -42.65 14.27
O5 NAG F . -13.14 -41.06 12.48
O6 NAG F . -13.33 -42.22 15.32
O7 NAG F . -10.36 -37.00 12.41
BR BR G . -10.38 -18.48 14.21
BR BR H . -5.44 -8.16 10.35
BR BR I . 24.12 -15.39 16.65
C1 NAG J . 0.15 44.87 0.85
C2 NAG J . -0.61 44.19 -0.30
C3 NAG J . -0.55 45.02 -1.60
C4 NAG J . -0.91 46.47 -1.33
C5 NAG J . -0.03 47.02 -0.21
C6 NAG J . -0.29 48.47 0.14
C7 NAG J . -0.80 41.73 -0.55
C8 NAG J . -0.05 40.45 -0.82
N2 NAG J . -0.06 42.85 -0.54
O3 NAG J . -1.44 44.45 -2.55
O4 NAG J . -0.74 47.28 -2.50
O5 NAG J . -0.27 46.24 0.97
O6 NAG J . -1.68 48.78 0.10
O7 NAG J . -2.01 41.74 -0.35
BR BR K . -11.23 27.02 5.08
BR BR L . -12.18 15.02 4.77
#